data_5TRQ
#
_entry.id   5TRQ
#
_cell.length_a   46.063
_cell.length_b   46.066
_cell.length_c   74.437
_cell.angle_alpha   91.770
_cell.angle_beta   90.540
_cell.angle_gamma   108.710
#
_symmetry.space_group_name_H-M   'P 1'
#
loop_
_entity.id
_entity.type
_entity.pdbx_description
1 polymer WelO5
2 non-polymer 'NICKEL (II) ION'
3 non-polymer 'SUCCINIC ACID'
4 non-polymer GLYCEROL
5 non-polymer 'CALCIUM ION'
6 non-polymer 'ACETATE ION'
7 water water
#
_entity_poly.entity_id   1
_entity_poly.type   'polypeptide(L)'
_entity_poly.pdbx_seq_one_letter_code
;SMSNNTVSTKPALHFLDINATEVKKYPTAIQDIIINRSFDGMIIRGVFPRDTMEQVARCLEEGNDGGMKSILNKNEEFGT
KVAQIYGHAIVGQSPDLKDYFASSAIFRQACRTMFQGSPDFEEQVESIFHSLSGLPVEIPTGPEGQTYTPATIRLLLEGR
EIAVHVGNDFLLMPAANHLKTLLDLSDQLSYFIPLTVPEAGGELVVYSLEWNPQEASKYAQMQEYMDDVEFKIKSNQSQS
VAYAPGPGDMLLFNGGRYYHRVSEVIGNSPRRTIGGFLAFSKQRDKIYYWS
;
_entity_poly.pdbx_strand_id   A,B
#
loop_
_chem_comp.id
_chem_comp.type
_chem_comp.name
_chem_comp.formula
ACT non-polymer 'ACETATE ION' 'C2 H3 O2 -1'
CA non-polymer 'CALCIUM ION' 'Ca 2'
GOL non-polymer GLYCEROL 'C3 H8 O3'
NI non-polymer 'NICKEL (II) ION' 'Ni 2'
SIN non-polymer 'SUCCINIC ACID' 'C4 H6 O4'
#
# COMPACT_ATOMS: atom_id res chain seq x y z
N THR A 9 -21.84 -6.89 21.54
CA THR A 9 -20.98 -6.62 20.39
C THR A 9 -21.60 -5.50 19.51
N LYS A 10 -20.78 -4.93 18.63
CA LYS A 10 -21.20 -3.88 17.70
C LYS A 10 -20.96 -4.35 16.26
N PRO A 11 -21.93 -4.23 15.36
CA PRO A 11 -21.82 -4.92 14.06
C PRO A 11 -20.56 -4.55 13.25
N ALA A 12 -19.92 -5.58 12.70
CA ALA A 12 -18.70 -5.43 11.90
C ALA A 12 -18.88 -6.04 10.51
N LEU A 13 -18.04 -5.58 9.58
CA LEU A 13 -17.89 -6.25 8.30
C LEU A 13 -17.31 -7.64 8.51
N HIS A 14 -17.74 -8.63 7.70
CA HIS A 14 -17.32 -10.03 7.83
C HIS A 14 -16.92 -10.57 6.47
N PHE A 15 -15.74 -11.22 6.40
CA PHE A 15 -15.24 -11.83 5.14
C PHE A 15 -14.70 -13.22 5.43
N LEU A 16 -14.92 -14.14 4.51
CA LEU A 16 -14.30 -15.47 4.55
C LEU A 16 -12.99 -15.48 3.77
N ASP A 17 -12.10 -16.39 4.15
CA ASP A 17 -10.83 -16.66 3.45
C ASP A 17 -10.76 -18.18 3.26
N ILE A 18 -10.94 -18.66 2.01
CA ILE A 18 -11.03 -20.09 1.70
C ILE A 18 -10.15 -20.40 0.48
N ASN A 19 -9.85 -21.69 0.28
CA ASN A 19 -9.22 -22.15 -0.96
C ASN A 19 -10.30 -22.52 -1.97
N ALA A 20 -9.96 -22.38 -3.24
CA ALA A 20 -10.91 -22.74 -4.30
C ALA A 20 -11.37 -24.19 -4.21
N THR A 21 -10.53 -25.07 -3.66
CA THR A 21 -10.94 -26.47 -3.54
C THR A 21 -12.13 -26.68 -2.61
N GLU A 22 -12.54 -25.66 -1.85
CA GLU A 22 -13.56 -25.80 -0.82
C GLU A 22 -14.87 -25.10 -1.17
N VAL A 23 -15.03 -24.59 -2.40
CA VAL A 23 -16.20 -23.74 -2.71
C VAL A 23 -17.52 -24.48 -2.51
N LYS A 24 -17.56 -25.80 -2.75
CA LYS A 24 -18.81 -26.53 -2.62
C LYS A 24 -19.32 -26.61 -1.17
N LYS A 25 -18.49 -26.27 -0.18
CA LYS A 25 -18.96 -26.20 1.20
CA LYS A 25 -18.96 -26.20 1.20
C LYS A 25 -19.79 -24.95 1.48
N TYR A 26 -19.85 -23.99 0.56
CA TYR A 26 -20.58 -22.75 0.76
C TYR A 26 -21.63 -22.55 -0.33
N PRO A 27 -22.60 -23.47 -0.43
CA PRO A 27 -23.51 -23.48 -1.58
C PRO A 27 -24.54 -22.35 -1.57
N THR A 28 -24.62 -21.55 -0.51
CA THR A 28 -25.50 -20.39 -0.52
C THR A 28 -24.75 -19.09 -0.19
N ALA A 29 -23.44 -19.05 -0.46
CA ALA A 29 -22.63 -17.86 -0.16
C ALA A 29 -23.17 -16.62 -0.87
N ILE A 30 -23.53 -16.75 -2.15
CA ILE A 30 -23.98 -15.54 -2.85
CA ILE A 30 -24.02 -15.57 -2.89
C ILE A 30 -25.30 -15.03 -2.26
N GLN A 31 -26.26 -15.92 -1.97
CA GLN A 31 -27.50 -15.50 -1.31
C GLN A 31 -27.21 -14.92 0.07
N ASP A 32 -26.26 -15.51 0.79
CA ASP A 32 -25.95 -15.03 2.14
C ASP A 32 -25.37 -13.61 2.11
N ILE A 33 -24.60 -13.25 1.07
CA ILE A 33 -24.02 -11.91 1.00
C ILE A 33 -25.08 -10.91 0.55
N ILE A 34 -25.85 -11.25 -0.50
CA ILE A 34 -26.77 -10.29 -1.12
C ILE A 34 -28.10 -10.20 -0.37
N ILE A 35 -28.71 -11.34 -0.03
CA ILE A 35 -30.06 -11.35 0.51
C ILE A 35 -30.09 -11.28 2.03
N ASN A 36 -29.41 -12.23 2.68
CA ASN A 36 -29.40 -12.31 4.14
C ASN A 36 -28.47 -11.27 4.78
N ARG A 37 -27.51 -10.76 4.02
CA ARG A 37 -26.52 -9.82 4.55
C ARG A 37 -25.77 -10.38 5.75
N SER A 38 -25.54 -11.71 5.81
CA SER A 38 -24.85 -12.27 6.98
C SER A 38 -23.34 -12.10 6.93
N PHE A 39 -22.79 -11.81 5.75
CA PHE A 39 -21.40 -11.41 5.61
C PHE A 39 -21.29 -10.65 4.28
N ASP A 40 -20.07 -10.16 3.99
CA ASP A 40 -19.90 -9.11 3.00
C ASP A 40 -18.97 -9.46 1.85
N GLY A 41 -18.23 -10.54 1.94
CA GLY A 41 -17.36 -10.94 0.84
C GLY A 41 -16.47 -12.10 1.24
N MET A 42 -15.57 -12.45 0.32
CA MET A 42 -14.68 -13.57 0.53
C MET A 42 -13.50 -13.47 -0.44
N ILE A 43 -12.34 -13.96 0.01
CA ILE A 43 -11.18 -14.18 -0.87
C ILE A 43 -11.05 -15.69 -1.07
N ILE A 44 -10.84 -16.11 -2.33
CA ILE A 44 -10.88 -17.51 -2.72
C ILE A 44 -9.53 -17.77 -3.39
N ARG A 45 -8.66 -18.51 -2.71
CA ARG A 45 -7.28 -18.66 -3.12
C ARG A 45 -7.12 -19.70 -4.25
N GLY A 46 -6.35 -19.35 -5.26
CA GLY A 46 -6.00 -20.31 -6.30
C GLY A 46 -7.12 -20.74 -7.23
N VAL A 47 -7.98 -19.80 -7.62
CA VAL A 47 -9.00 -20.09 -8.63
C VAL A 47 -8.35 -20.43 -9.96
N PHE A 48 -7.26 -19.73 -10.33
CA PHE A 48 -6.45 -20.04 -11.51
C PHE A 48 -5.01 -20.31 -11.11
N PRO A 49 -4.31 -21.16 -11.84
CA PRO A 49 -2.91 -21.45 -11.52
C PRO A 49 -2.03 -20.26 -11.84
N ARG A 50 -0.95 -20.14 -11.08
CA ARG A 50 -0.05 -19.00 -11.26
C ARG A 50 0.58 -19.01 -12.66
N ASP A 51 0.87 -20.19 -13.21
CA ASP A 51 1.45 -20.24 -14.55
CA ASP A 51 1.43 -20.26 -14.56
C ASP A 51 0.44 -19.78 -15.61
N THR A 52 -0.85 -20.05 -15.43
CA THR A 52 -1.84 -19.51 -16.36
C THR A 52 -1.83 -17.99 -16.31
N MET A 53 -1.79 -17.40 -15.10
CA MET A 53 -1.82 -15.95 -14.96
C MET A 53 -0.61 -15.30 -15.67
N GLU A 54 0.56 -15.89 -15.49
CA GLU A 54 1.81 -15.42 -16.10
C GLU A 54 1.76 -15.49 -17.62
N GLN A 55 1.21 -16.59 -18.15
CA GLN A 55 1.05 -16.73 -19.61
C GLN A 55 0.16 -15.65 -20.19
N VAL A 56 -0.99 -15.38 -19.57
CA VAL A 56 -1.88 -14.34 -20.05
C VAL A 56 -1.21 -12.98 -19.99
N ALA A 57 -0.56 -12.66 -18.86
CA ALA A 57 0.11 -11.36 -18.74
C ALA A 57 1.18 -11.19 -19.82
N ARG A 58 1.93 -12.26 -20.11
CA ARG A 58 2.95 -12.17 -21.15
C ARG A 58 2.32 -11.91 -22.52
N CYS A 59 1.17 -12.55 -22.81
CA CYS A 59 0.48 -12.28 -24.07
C CYS A 59 0.17 -10.80 -24.21
N LEU A 60 -0.33 -10.18 -23.15
CA LEU A 60 -0.66 -8.75 -23.19
C LEU A 60 0.61 -7.90 -23.31
N GLU A 61 1.66 -8.26 -22.57
CA GLU A 61 2.88 -7.44 -22.64
C GLU A 61 3.55 -7.53 -24.01
N GLU A 62 3.51 -8.68 -24.68
CA GLU A 62 4.21 -8.87 -25.94
C GLU A 62 3.34 -8.65 -27.18
N GLY A 63 2.03 -8.59 -27.02
CA GLY A 63 1.15 -8.27 -28.12
C GLY A 63 0.56 -9.45 -28.88
N ASN A 64 0.93 -10.69 -28.55
CA ASN A 64 0.25 -11.86 -29.09
C ASN A 64 -0.96 -12.18 -28.20
N ASP A 65 -1.97 -11.33 -28.32
CA ASP A 65 -3.06 -11.23 -27.35
C ASP A 65 -4.41 -11.51 -28.00
N GLY A 66 -4.43 -12.14 -29.18
CA GLY A 66 -5.69 -12.52 -29.80
C GLY A 66 -6.58 -11.35 -30.19
N GLY A 67 -6.00 -10.16 -30.38
CA GLY A 67 -6.72 -8.95 -30.69
C GLY A 67 -7.08 -8.09 -29.46
N MET A 68 -6.69 -8.48 -28.26
CA MET A 68 -7.08 -7.71 -27.07
C MET A 68 -6.58 -6.27 -27.15
N LYS A 69 -5.38 -6.06 -27.68
CA LYS A 69 -4.87 -4.70 -27.76
C LYS A 69 -5.74 -3.77 -28.61
N SER A 70 -6.54 -4.31 -29.54
CA SER A 70 -7.38 -3.49 -30.41
C SER A 70 -8.53 -2.82 -29.68
N ILE A 71 -8.82 -3.25 -28.45
CA ILE A 71 -9.86 -2.65 -27.63
C ILE A 71 -9.30 -2.04 -26.34
N LEU A 72 -7.98 -1.74 -26.27
CA LEU A 72 -7.40 -1.03 -25.12
C LEU A 72 -7.80 0.43 -25.18
N ASN A 73 -8.44 0.89 -24.10
CA ASN A 73 -8.80 2.30 -23.91
C ASN A 73 -7.82 2.89 -22.88
N LYS A 74 -6.89 3.71 -23.35
CA LYS A 74 -5.86 4.25 -22.46
C LYS A 74 -6.38 5.34 -21.53
N ASN A 75 -7.54 5.92 -21.86
CA ASN A 75 -8.18 6.92 -20.99
C ASN A 75 -7.27 8.12 -20.73
N GLU A 76 -6.45 8.49 -21.71
CA GLU A 76 -5.35 9.39 -21.40
C GLU A 76 -5.80 10.76 -20.89
N GLU A 77 -7.07 11.14 -21.08
CA GLU A 77 -7.54 12.46 -20.74
C GLU A 77 -8.22 12.56 -19.38
N PHE A 78 -8.25 11.49 -18.58
CA PHE A 78 -9.13 11.41 -17.42
C PHE A 78 -8.41 11.40 -16.06
N GLY A 79 -7.13 11.76 -16.00
CA GLY A 79 -6.45 11.89 -14.72
C GLY A 79 -5.89 10.59 -14.18
N THR A 80 -5.21 10.70 -13.03
CA THR A 80 -4.50 9.54 -12.46
C THR A 80 -5.37 8.61 -11.62
N LYS A 81 -6.63 8.97 -11.33
CA LYS A 81 -7.52 8.15 -10.49
C LYS A 81 -8.44 7.25 -11.31
N VAL A 82 -8.05 6.98 -12.57
CA VAL A 82 -8.65 5.98 -13.45
C VAL A 82 -7.59 5.02 -13.96
N ALA A 83 -8.02 3.80 -14.24
CA ALA A 83 -7.15 2.83 -14.90
C ALA A 83 -7.24 2.99 -16.43
N GLN A 84 -6.33 2.34 -17.12
CA GLN A 84 -6.56 1.95 -18.53
C GLN A 84 -7.37 0.65 -18.55
N ILE A 85 -8.15 0.42 -19.62
CA ILE A 85 -9.07 -0.71 -19.59
C ILE A 85 -9.16 -1.38 -20.95
N TYR A 86 -8.97 -2.71 -20.99
CA TYR A 86 -9.21 -3.50 -22.20
C TYR A 86 -10.68 -3.89 -22.22
N GLY A 87 -11.35 -3.47 -23.27
CA GLY A 87 -12.80 -3.60 -23.37
C GLY A 87 -13.48 -2.35 -22.86
N HIS A 88 -14.66 -2.05 -23.39
CA HIS A 88 -15.51 -1.03 -22.77
C HIS A 88 -16.21 -1.60 -21.54
N ALA A 89 -16.06 -0.95 -20.38
CA ALA A 89 -16.94 -1.24 -19.24
C ALA A 89 -18.30 -0.63 -19.52
N ILE A 90 -19.35 -1.31 -19.06
CA ILE A 90 -20.70 -0.80 -19.32
C ILE A 90 -21.01 0.50 -18.59
N VAL A 91 -20.39 0.74 -17.42
CA VAL A 91 -20.56 2.01 -16.73
C VAL A 91 -20.23 3.18 -17.66
N GLY A 92 -21.15 4.13 -17.76
CA GLY A 92 -20.93 5.34 -18.53
C GLY A 92 -21.23 5.25 -20.01
N GLN A 93 -21.57 4.08 -20.54
CA GLN A 93 -21.84 4.00 -21.97
C GLN A 93 -23.18 4.65 -22.33
N SER A 94 -23.34 4.95 -23.62
CA SER A 94 -24.64 5.40 -24.11
C SER A 94 -25.65 4.26 -24.02
N PRO A 95 -26.94 4.58 -23.86
CA PRO A 95 -27.93 3.51 -23.58
C PRO A 95 -28.20 2.56 -24.75
N ASP A 96 -27.85 2.92 -25.99
CA ASP A 96 -28.00 2.00 -27.12
C ASP A 96 -26.97 0.86 -27.09
N LEU A 97 -25.80 1.08 -26.51
CA LEU A 97 -24.80 0.02 -26.29
C LEU A 97 -24.13 -0.47 -27.57
N LYS A 98 -24.18 0.29 -28.67
CA LYS A 98 -23.62 -0.22 -29.93
C LYS A 98 -22.10 -0.44 -29.84
N ASP A 99 -21.35 0.57 -29.37
N ASP A 99 -21.36 0.56 -29.34
CA ASP A 99 -19.91 0.41 -29.23
CA ASP A 99 -19.91 0.42 -29.21
C ASP A 99 -19.57 -0.70 -28.23
C ASP A 99 -19.54 -0.66 -28.20
N TYR A 100 -20.33 -0.78 -27.13
CA TYR A 100 -20.06 -1.76 -26.09
C TYR A 100 -20.22 -3.18 -26.63
N PHE A 101 -21.26 -3.43 -27.45
CA PHE A 101 -21.48 -4.79 -27.95
C PHE A 101 -20.37 -5.21 -28.91
N ALA A 102 -19.87 -4.28 -29.73
CA ALA A 102 -18.74 -4.60 -30.61
C ALA A 102 -17.47 -4.95 -29.81
N SER A 103 -17.12 -4.16 -28.76
CA SER A 103 -15.93 -4.49 -27.98
C SER A 103 -16.10 -5.79 -27.22
N SER A 104 -17.33 -6.07 -26.75
CA SER A 104 -17.62 -7.31 -26.02
C SER A 104 -17.36 -8.55 -26.89
N ALA A 105 -17.76 -8.52 -28.18
CA ALA A 105 -17.44 -9.64 -29.08
C ALA A 105 -15.94 -9.89 -29.17
N ILE A 106 -15.17 -8.82 -29.37
CA ILE A 106 -13.71 -8.94 -29.51
C ILE A 106 -13.12 -9.47 -28.20
N PHE A 107 -13.60 -8.98 -27.06
CA PHE A 107 -13.04 -9.37 -25.76
C PHE A 107 -13.17 -10.87 -25.54
N ARG A 108 -14.36 -11.42 -25.84
CA ARG A 108 -14.57 -12.84 -25.53
C ARG A 108 -13.66 -13.73 -26.38
N GLN A 109 -13.49 -13.40 -27.66
CA GLN A 109 -12.60 -14.15 -28.55
C GLN A 109 -11.14 -14.06 -28.09
N ALA A 110 -10.68 -12.85 -27.79
CA ALA A 110 -9.29 -12.65 -27.39
C ALA A 110 -8.97 -13.33 -26.05
N CYS A 111 -9.89 -13.23 -25.08
CA CYS A 111 -9.71 -13.88 -23.78
C CYS A 111 -9.63 -15.40 -23.92
N ARG A 112 -10.56 -15.99 -24.68
CA ARG A 112 -10.55 -17.44 -24.86
C ARG A 112 -9.23 -17.89 -25.52
N THR A 113 -8.73 -17.11 -26.49
CA THR A 113 -7.46 -17.44 -27.13
C THR A 113 -6.29 -17.42 -26.12
N MET A 114 -6.24 -16.40 -25.25
CA MET A 114 -5.09 -16.27 -24.35
C MET A 114 -5.07 -17.37 -23.28
N PHE A 115 -6.24 -17.83 -22.83
CA PHE A 115 -6.31 -18.81 -21.74
C PHE A 115 -6.04 -20.23 -22.24
N GLN A 116 -6.12 -20.46 -23.54
CA GLN A 116 -5.77 -21.75 -24.13
C GLN A 116 -6.56 -22.91 -23.53
N GLY A 117 -7.71 -22.64 -22.93
CA GLY A 117 -8.51 -23.68 -22.29
C GLY A 117 -7.82 -24.36 -21.13
N SER A 118 -6.95 -23.64 -20.42
CA SER A 118 -6.07 -24.28 -19.43
C SER A 118 -5.91 -23.56 -18.10
N PRO A 119 -7.02 -23.34 -17.39
CA PRO A 119 -8.41 -23.62 -17.81
C PRO A 119 -8.99 -22.43 -18.54
N ASP A 120 -10.14 -22.62 -19.22
CA ASP A 120 -10.82 -21.51 -19.85
C ASP A 120 -11.36 -20.53 -18.82
N PHE A 121 -11.23 -19.23 -19.11
CA PHE A 121 -11.66 -18.19 -18.15
C PHE A 121 -13.14 -18.28 -17.83
N GLU A 122 -14.01 -18.25 -18.86
CA GLU A 122 -15.47 -18.29 -18.62
C GLU A 122 -15.87 -19.58 -17.92
N GLU A 123 -15.34 -20.73 -18.39
CA GLU A 123 -15.73 -22.01 -17.78
C GLU A 123 -15.37 -22.05 -16.29
N GLN A 124 -14.19 -21.53 -15.93
CA GLN A 124 -13.70 -21.63 -14.57
CA GLN A 124 -13.70 -21.63 -14.57
C GLN A 124 -14.50 -20.72 -13.63
N VAL A 125 -14.74 -19.46 -14.04
CA VAL A 125 -15.49 -18.52 -13.19
CA VAL A 125 -15.47 -18.55 -13.15
C VAL A 125 -16.94 -18.97 -13.03
N GLU A 126 -17.58 -19.45 -14.11
CA GLU A 126 -18.96 -19.96 -14.01
C GLU A 126 -19.03 -21.15 -13.04
N SER A 127 -18.00 -22.00 -13.02
CA SER A 127 -17.97 -23.12 -12.07
C SER A 127 -17.98 -22.63 -10.63
N ILE A 128 -17.18 -21.60 -10.33
CA ILE A 128 -17.14 -21.00 -8.98
C ILE A 128 -18.51 -20.44 -8.62
N PHE A 129 -19.09 -19.62 -9.50
CA PHE A 129 -20.35 -18.96 -9.16
C PHE A 129 -21.48 -19.98 -8.98
N HIS A 130 -21.48 -21.06 -9.76
CA HIS A 130 -22.46 -22.13 -9.58
C HIS A 130 -22.29 -22.84 -8.24
N SER A 131 -21.05 -23.17 -7.85
CA SER A 131 -20.80 -23.82 -6.57
C SER A 131 -21.20 -22.96 -5.36
N LEU A 132 -21.13 -21.63 -5.47
CA LEU A 132 -21.47 -20.72 -4.37
C LEU A 132 -22.97 -20.31 -4.36
N SER A 133 -23.81 -20.90 -5.23
CA SER A 133 -25.22 -20.50 -5.32
C SER A 133 -26.20 -21.63 -5.59
N GLY A 134 -25.79 -22.70 -6.25
CA GLY A 134 -26.72 -23.71 -6.71
C GLY A 134 -27.52 -23.34 -7.94
N LEU A 135 -27.29 -22.18 -8.57
CA LEU A 135 -28.09 -21.69 -9.69
C LEU A 135 -27.31 -21.76 -11.00
N PRO A 136 -28.03 -21.80 -12.13
CA PRO A 136 -27.34 -21.65 -13.42
C PRO A 136 -26.76 -20.26 -13.54
N VAL A 137 -25.67 -20.16 -14.33
CA VAL A 137 -24.88 -18.93 -14.48
C VAL A 137 -24.74 -18.60 -15.97
N GLU A 138 -25.04 -17.35 -16.37
CA GLU A 138 -25.03 -16.92 -17.76
C GLU A 138 -24.43 -15.52 -17.90
N ILE A 139 -23.87 -15.25 -19.08
CA ILE A 139 -23.52 -13.90 -19.50
C ILE A 139 -24.77 -13.34 -20.15
N PRO A 140 -25.26 -12.15 -19.80
CA PRO A 140 -26.48 -11.63 -20.44
C PRO A 140 -26.31 -11.32 -21.91
N THR A 141 -27.47 -11.21 -22.58
CA THR A 141 -27.54 -10.85 -23.99
C THR A 141 -28.47 -9.66 -24.16
N GLY A 142 -28.19 -8.85 -25.20
CA GLY A 142 -28.98 -7.68 -25.51
C GLY A 142 -30.29 -8.00 -26.20
N PRO A 143 -31.01 -6.94 -26.58
CA PRO A 143 -32.37 -7.13 -27.08
C PRO A 143 -32.41 -7.82 -28.43
N GLU A 144 -31.33 -7.74 -29.21
CA GLU A 144 -31.25 -8.50 -30.45
C GLU A 144 -30.27 -9.66 -30.37
N GLY A 145 -29.95 -10.14 -29.16
CA GLY A 145 -29.08 -11.29 -29.01
C GLY A 145 -27.60 -10.98 -28.86
N GLN A 146 -27.22 -9.70 -28.95
CA GLN A 146 -25.81 -9.33 -28.80
C GLN A 146 -25.26 -9.74 -27.43
N THR A 147 -24.07 -10.33 -27.39
CA THR A 147 -23.49 -10.70 -26.10
C THR A 147 -22.95 -9.50 -25.32
N TYR A 148 -23.23 -9.45 -24.01
CA TYR A 148 -22.44 -8.61 -23.09
C TYR A 148 -21.05 -9.23 -22.91
N THR A 149 -20.11 -8.40 -22.35
CA THR A 149 -18.81 -9.00 -21.99
C THR A 149 -18.88 -9.59 -20.60
N PRO A 150 -18.22 -10.75 -20.36
CA PRO A 150 -18.15 -11.31 -18.99
C PRO A 150 -17.27 -10.51 -18.04
N ALA A 151 -16.28 -9.79 -18.60
CA ALA A 151 -15.20 -9.15 -17.85
C ALA A 151 -14.59 -8.03 -18.70
N THR A 152 -13.84 -7.16 -18.01
CA THR A 152 -12.85 -6.29 -18.61
C THR A 152 -11.54 -6.47 -17.84
N ILE A 153 -10.42 -6.02 -18.46
CA ILE A 153 -9.08 -6.06 -17.85
C ILE A 153 -8.63 -4.64 -17.52
N ARG A 154 -8.39 -4.38 -16.24
CA ARG A 154 -7.91 -3.09 -15.74
CA ARG A 154 -7.92 -3.10 -15.73
C ARG A 154 -6.39 -3.11 -15.60
N LEU A 155 -5.75 -2.08 -16.12
CA LEU A 155 -4.29 -1.94 -16.15
C LEU A 155 -3.92 -0.67 -15.37
N LEU A 156 -3.20 -0.83 -14.22
CA LEU A 156 -2.81 0.28 -13.35
CA LEU A 156 -2.81 0.29 -13.36
C LEU A 156 -1.29 0.39 -13.29
N LEU A 157 -0.75 1.45 -13.89
CA LEU A 157 0.69 1.74 -13.92
C LEU A 157 1.07 2.53 -12.65
N GLU A 158 2.38 2.67 -12.42
CA GLU A 158 2.96 3.45 -11.34
CA GLU A 158 2.89 3.43 -11.29
C GLU A 158 2.27 4.81 -11.21
N GLY A 159 1.84 5.18 -10.00
CA GLY A 159 1.24 6.49 -9.80
C GLY A 159 -0.24 6.58 -10.11
N ARG A 160 -0.88 5.47 -10.53
CA ARG A 160 -2.30 5.46 -10.87
C ARG A 160 -3.08 4.67 -9.83
N GLU A 161 -4.35 5.06 -9.64
CA GLU A 161 -5.23 4.47 -8.63
C GLU A 161 -6.65 4.32 -9.20
N ILE A 162 -7.55 3.64 -8.47
CA ILE A 162 -8.99 3.61 -8.79
C ILE A 162 -9.74 4.34 -7.67
N ALA A 163 -10.28 5.52 -8.01
CA ALA A 163 -10.94 6.39 -7.03
C ALA A 163 -12.12 5.70 -6.35
N VAL A 164 -12.41 6.12 -5.11
CA VAL A 164 -13.52 5.55 -4.34
C VAL A 164 -14.84 5.71 -5.11
N HIS A 165 -15.67 4.63 -5.08
CA HIS A 165 -16.94 4.56 -5.80
C HIS A 165 -17.79 3.42 -5.20
N VAL A 166 -19.04 3.28 -5.68
CA VAL A 166 -19.94 2.26 -5.17
C VAL A 166 -20.77 1.71 -6.32
N GLY A 167 -21.03 0.40 -6.31
CA GLY A 167 -21.59 -0.27 -7.48
C GLY A 167 -23.04 0.06 -7.78
N ASN A 168 -23.86 0.30 -6.76
CA ASN A 168 -25.27 0.52 -7.03
C ASN A 168 -25.52 1.88 -7.70
N ASP A 169 -24.49 2.73 -7.84
CA ASP A 169 -24.67 3.93 -8.66
C ASP A 169 -24.93 3.58 -10.12
N PHE A 170 -24.59 2.36 -10.55
CA PHE A 170 -24.87 1.92 -11.92
C PHE A 170 -26.37 1.94 -12.20
N LEU A 171 -27.20 1.59 -11.20
CA LEU A 171 -28.64 1.55 -11.34
C LEU A 171 -29.24 2.91 -11.63
N LEU A 172 -28.42 3.97 -11.53
CA LEU A 172 -28.88 5.33 -11.75
C LEU A 172 -28.40 5.91 -13.07
N MET A 173 -27.69 5.07 -13.99
CA MET A 173 -27.05 5.41 -15.26
C MET A 173 -27.91 4.94 -16.44
N PRO A 174 -27.98 5.73 -17.52
CA PRO A 174 -28.77 5.28 -18.68
C PRO A 174 -28.28 3.99 -19.28
N ALA A 175 -26.98 3.68 -19.11
CA ALA A 175 -26.42 2.43 -19.65
C ALA A 175 -27.07 1.18 -19.04
N ALA A 176 -27.65 1.27 -17.85
CA ALA A 176 -28.30 0.14 -17.20
C ALA A 176 -29.74 -0.10 -17.63
N ASN A 177 -30.29 0.71 -18.57
CA ASN A 177 -31.70 0.57 -18.94
C ASN A 177 -32.06 -0.87 -19.31
N HIS A 178 -31.27 -1.50 -20.18
CA HIS A 178 -31.66 -2.82 -20.65
C HIS A 178 -31.46 -3.89 -19.58
N LEU A 179 -30.34 -3.84 -18.82
CA LEU A 179 -30.10 -4.85 -17.80
CA LEU A 179 -30.11 -4.84 -17.79
C LEU A 179 -31.16 -4.80 -16.70
N LYS A 180 -31.69 -3.62 -16.41
CA LYS A 180 -32.75 -3.49 -15.43
C LYS A 180 -33.95 -4.38 -15.74
N THR A 181 -34.16 -4.78 -17.01
CA THR A 181 -35.27 -5.67 -17.33
C THR A 181 -34.99 -7.14 -17.02
N LEU A 182 -33.74 -7.51 -16.73
CA LEU A 182 -33.33 -8.88 -16.45
C LEU A 182 -32.98 -9.15 -14.99
N LEU A 183 -32.65 -8.13 -14.21
CA LEU A 183 -32.07 -8.31 -12.88
C LEU A 183 -33.07 -8.03 -11.76
N ASP A 184 -32.90 -8.80 -10.68
CA ASP A 184 -33.54 -8.47 -9.41
C ASP A 184 -32.96 -7.16 -8.91
N LEU A 185 -33.79 -6.42 -8.19
CA LEU A 185 -33.41 -5.09 -7.70
C LEU A 185 -32.53 -5.12 -6.43
N SER A 186 -31.84 -6.24 -6.14
CA SER A 186 -31.00 -6.38 -4.94
C SER A 186 -29.56 -5.96 -5.26
N ASP A 187 -28.61 -6.20 -4.33
CA ASP A 187 -27.24 -5.71 -4.46
C ASP A 187 -26.55 -6.48 -5.58
N GLN A 188 -25.72 -5.78 -6.34
CA GLN A 188 -24.77 -6.46 -7.22
C GLN A 188 -23.50 -6.76 -6.43
N LEU A 189 -22.83 -7.88 -6.75
CA LEU A 189 -21.49 -8.16 -6.25
C LEU A 189 -20.42 -7.75 -7.26
N SER A 190 -19.20 -7.51 -6.75
CA SER A 190 -17.98 -7.33 -7.54
C SER A 190 -17.14 -8.59 -7.47
N TYR A 191 -16.47 -8.92 -8.59
CA TYR A 191 -15.45 -10.00 -8.59
C TYR A 191 -14.22 -9.55 -9.39
N PHE A 192 -13.02 -9.94 -8.94
CA PHE A 192 -11.85 -9.81 -9.81
C PHE A 192 -10.76 -10.79 -9.44
N ILE A 193 -9.84 -11.03 -10.39
CA ILE A 193 -8.66 -11.89 -10.22
C ILE A 193 -7.42 -11.15 -10.73
N PRO A 194 -6.34 -11.02 -9.93
CA PRO A 194 -5.10 -10.42 -10.48
C PRO A 194 -4.40 -11.38 -11.45
N LEU A 195 -4.01 -10.83 -12.60
CA LEU A 195 -3.05 -11.45 -13.51
C LEU A 195 -1.62 -11.13 -13.09
N THR A 196 -1.33 -9.86 -12.73
CA THR A 196 -0.05 -9.43 -12.19
C THR A 196 -0.29 -8.47 -11.03
N VAL A 197 0.59 -8.55 -10.03
CA VAL A 197 0.53 -7.68 -8.85
C VAL A 197 1.70 -6.71 -8.78
N PRO A 198 1.53 -5.56 -8.14
CA PRO A 198 2.61 -4.58 -8.04
C PRO A 198 3.55 -4.79 -6.84
N GLU A 199 4.69 -4.06 -6.88
CA GLU A 199 5.70 -4.11 -5.81
C GLU A 199 5.12 -3.64 -4.46
N ALA A 200 4.26 -2.63 -4.45
CA ALA A 200 3.61 -2.09 -3.27
C ALA A 200 2.38 -1.32 -3.76
N GLY A 201 1.53 -0.91 -2.79
CA GLY A 201 0.25 -0.30 -3.21
C GLY A 201 -0.66 -1.27 -3.95
N GLY A 202 -1.58 -0.69 -4.73
CA GLY A 202 -2.53 -1.55 -5.42
C GLY A 202 -3.42 -2.40 -4.53
N GLU A 203 -3.81 -1.90 -3.35
CA GLU A 203 -4.63 -2.63 -2.38
C GLU A 203 -6.11 -2.29 -2.56
N LEU A 204 -6.97 -3.33 -2.59
CA LEU A 204 -8.41 -3.07 -2.53
CA LEU A 204 -8.42 -3.11 -2.51
C LEU A 204 -8.82 -2.76 -1.10
N VAL A 205 -9.52 -1.64 -0.91
CA VAL A 205 -10.02 -1.25 0.40
C VAL A 205 -11.55 -1.18 0.31
N VAL A 206 -12.23 -1.86 1.24
CA VAL A 206 -13.68 -1.86 1.40
CA VAL A 206 -13.68 -1.84 1.40
C VAL A 206 -14.04 -1.14 2.71
N TYR A 207 -14.95 -0.16 2.61
CA TYR A 207 -15.38 0.67 3.73
C TYR A 207 -16.77 0.26 4.18
N SER A 208 -17.12 0.55 5.45
CA SER A 208 -18.47 0.31 5.92
C SER A 208 -19.49 1.36 5.43
N LEU A 209 -19.04 2.48 4.87
CA LEU A 209 -19.92 3.50 4.35
C LEU A 209 -20.66 2.94 3.14
N GLU A 210 -22.00 3.13 3.14
CA GLU A 210 -22.87 2.51 2.15
C GLU A 210 -23.43 3.49 1.12
N TRP A 211 -23.81 2.91 -0.03
CA TRP A 211 -24.67 3.59 -1.01
C TRP A 211 -25.92 4.12 -0.32
N ASN A 212 -26.24 5.40 -0.58
CA ASN A 212 -27.28 6.07 0.16
C ASN A 212 -27.79 7.27 -0.66
N PRO A 213 -28.71 7.07 -1.60
CA PRO A 213 -29.19 8.24 -2.38
C PRO A 213 -29.81 9.32 -1.53
N GLN A 214 -30.40 8.95 -0.40
CA GLN A 214 -30.99 9.93 0.49
C GLN A 214 -29.96 10.89 1.08
N GLU A 215 -28.79 10.37 1.53
CA GLU A 215 -27.72 11.25 2.00
C GLU A 215 -27.17 12.12 0.87
N ALA A 216 -27.02 11.56 -0.34
CA ALA A 216 -26.56 12.35 -1.49
C ALA A 216 -27.46 13.53 -1.79
N SER A 217 -28.78 13.38 -1.58
CA SER A 217 -29.72 14.44 -1.87
CA SER A 217 -29.68 14.48 -1.91
C SER A 217 -29.60 15.65 -0.94
N LYS A 218 -28.83 15.53 0.14
CA LYS A 218 -28.62 16.65 1.08
C LYS A 218 -27.62 17.68 0.55
N TYR A 219 -27.03 17.44 -0.64
CA TYR A 219 -26.01 18.28 -1.25
C TYR A 219 -26.52 18.81 -2.58
N ALA A 220 -26.33 20.11 -2.83
CA ALA A 220 -26.73 20.70 -4.11
C ALA A 220 -25.93 20.12 -5.30
N GLN A 221 -24.68 19.68 -5.07
CA GLN A 221 -23.82 19.13 -6.12
C GLN A 221 -23.24 17.80 -5.69
N MET A 222 -23.26 16.83 -6.60
CA MET A 222 -22.66 15.54 -6.30
C MET A 222 -21.19 15.67 -5.90
N GLN A 223 -20.48 16.68 -6.45
CA GLN A 223 -19.06 16.80 -6.12
C GLN A 223 -18.82 17.24 -4.67
N GLU A 224 -19.80 17.94 -4.07
CA GLU A 224 -19.76 18.22 -2.61
C GLU A 224 -20.01 16.96 -1.80
N TYR A 225 -20.98 16.14 -2.21
CA TYR A 225 -21.22 14.88 -1.51
C TYR A 225 -19.96 14.00 -1.54
N MET A 226 -19.30 13.90 -2.71
CA MET A 226 -18.12 13.07 -2.78
C MET A 226 -16.95 13.64 -1.95
N ASP A 227 -16.88 14.99 -1.84
CA ASP A 227 -15.89 15.55 -0.89
C ASP A 227 -16.12 15.06 0.54
N ASP A 228 -17.39 15.01 0.96
CA ASP A 228 -17.69 14.47 2.28
C ASP A 228 -17.43 12.96 2.37
N VAL A 229 -17.70 12.18 1.31
CA VAL A 229 -17.30 10.75 1.33
C VAL A 229 -15.81 10.61 1.57
N GLU A 230 -15.00 11.41 0.89
CA GLU A 230 -13.55 11.37 1.09
C GLU A 230 -13.17 11.68 2.55
N PHE A 231 -13.85 12.65 3.17
CA PHE A 231 -13.62 12.93 4.59
C PHE A 231 -13.97 11.72 5.44
N LYS A 232 -15.14 11.12 5.19
CA LYS A 232 -15.63 10.04 6.04
CA LYS A 232 -15.63 10.04 6.03
C LYS A 232 -14.75 8.79 5.97
N ILE A 233 -14.24 8.43 4.78
CA ILE A 233 -13.52 7.16 4.62
C ILE A 233 -12.16 7.18 5.28
N LYS A 234 -11.63 8.35 5.62
CA LYS A 234 -10.34 8.44 6.32
C LYS A 234 -10.49 8.65 7.82
N SER A 235 -11.70 8.60 8.38
CA SER A 235 -11.88 8.88 9.80
CA SER A 235 -11.91 8.87 9.79
C SER A 235 -11.94 7.58 10.61
N ASN A 236 -11.82 7.75 11.92
CA ASN A 236 -11.94 6.64 12.86
C ASN A 236 -13.36 6.09 12.87
N GLN A 237 -14.31 6.79 12.23
CA GLN A 237 -15.72 6.43 12.14
C GLN A 237 -15.92 5.17 11.30
N SER A 238 -15.79 5.28 9.97
CA SER A 238 -16.03 4.13 9.12
CA SER A 238 -16.02 4.14 9.10
C SER A 238 -15.02 3.03 9.41
N GLN A 239 -15.49 1.78 9.33
CA GLN A 239 -14.61 0.61 9.37
C GLN A 239 -13.99 0.44 7.99
N SER A 240 -12.84 -0.26 7.93
CA SER A 240 -12.28 -0.64 6.64
C SER A 240 -11.50 -1.96 6.73
N VAL A 241 -11.51 -2.67 5.60
CA VAL A 241 -10.80 -3.94 5.41
CA VAL A 241 -10.76 -3.91 5.44
C VAL A 241 -9.99 -3.80 4.12
N ALA A 242 -8.77 -4.33 4.10
CA ALA A 242 -7.90 -4.21 2.94
C ALA A 242 -7.40 -5.57 2.50
N TYR A 243 -7.33 -5.76 1.18
CA TYR A 243 -6.83 -7.00 0.57
C TYR A 243 -5.82 -6.73 -0.55
N ALA A 244 -4.83 -7.60 -0.64
CA ALA A 244 -3.88 -7.60 -1.76
C ALA A 244 -3.78 -9.02 -2.32
N PRO A 245 -4.82 -9.51 -2.99
CA PRO A 245 -4.79 -10.90 -3.50
C PRO A 245 -3.59 -11.16 -4.42
N GLY A 246 -3.07 -12.41 -4.33
CA GLY A 246 -2.04 -12.85 -5.23
C GLY A 246 -2.58 -13.19 -6.61
N PRO A 247 -1.68 -13.37 -7.60
CA PRO A 247 -2.13 -13.82 -8.91
C PRO A 247 -2.96 -15.09 -8.84
N GLY A 248 -4.13 -15.09 -9.50
CA GLY A 248 -4.99 -16.25 -9.51
C GLY A 248 -6.00 -16.38 -8.38
N ASP A 249 -5.90 -15.56 -7.32
CA ASP A 249 -6.91 -15.50 -6.27
C ASP A 249 -8.08 -14.61 -6.72
N MET A 250 -9.31 -14.98 -6.34
CA MET A 250 -10.51 -14.17 -6.63
C MET A 250 -10.99 -13.46 -5.37
N LEU A 251 -11.25 -12.16 -5.50
CA LEU A 251 -12.01 -11.42 -4.49
C LEU A 251 -13.44 -11.25 -4.98
N LEU A 252 -14.41 -11.62 -4.15
CA LEU A 252 -15.85 -11.60 -4.45
C LEU A 252 -16.51 -10.87 -3.27
N PHE A 253 -17.12 -9.69 -3.49
CA PHE A 253 -17.58 -8.88 -2.35
C PHE A 253 -18.73 -7.96 -2.73
N ASN A 254 -19.44 -7.43 -1.72
CA ASN A 254 -20.64 -6.60 -1.97
C ASN A 254 -20.25 -5.15 -2.31
N GLY A 255 -19.67 -4.98 -3.51
CA GLY A 255 -19.32 -3.62 -3.95
C GLY A 255 -20.50 -2.79 -4.41
N GLY A 256 -21.65 -3.45 -4.66
CA GLY A 256 -22.87 -2.71 -4.94
C GLY A 256 -23.30 -1.82 -3.77
N ARG A 257 -23.11 -2.31 -2.54
CA ARG A 257 -23.54 -1.67 -1.28
C ARG A 257 -22.44 -0.83 -0.62
N TYR A 258 -21.17 -1.28 -0.67
CA TYR A 258 -20.13 -0.63 0.11
C TYR A 258 -19.18 0.16 -0.79
N TYR A 259 -18.87 1.41 -0.40
CA TYR A 259 -17.82 2.17 -1.04
C TYR A 259 -16.46 1.43 -0.97
N HIS A 260 -15.69 1.48 -2.07
CA HIS A 260 -14.44 0.76 -2.21
C HIS A 260 -13.53 1.48 -3.19
N ARG A 261 -12.23 1.20 -3.09
CA ARG A 261 -11.22 1.85 -3.92
C ARG A 261 -10.00 0.92 -4.08
N VAL A 262 -9.09 1.26 -5.02
CA VAL A 262 -7.77 0.61 -5.16
C VAL A 262 -6.67 1.65 -4.99
N SER A 263 -5.78 1.42 -3.99
CA SER A 263 -4.74 2.40 -3.71
C SER A 263 -3.71 2.47 -4.84
N GLU A 264 -3.01 3.64 -4.90
CA GLU A 264 -2.00 3.93 -5.91
CA GLU A 264 -2.00 3.93 -5.91
C GLU A 264 -0.94 2.83 -6.03
N VAL A 265 -0.62 2.46 -7.28
CA VAL A 265 0.43 1.48 -7.54
C VAL A 265 1.79 2.13 -7.31
N ILE A 266 2.67 1.38 -6.67
CA ILE A 266 4.07 1.76 -6.40
C ILE A 266 4.96 0.74 -7.11
N GLY A 267 6.01 1.22 -7.77
CA GLY A 267 6.95 0.35 -8.45
C GLY A 267 6.69 0.18 -9.95
N ASN A 268 7.56 -0.66 -10.53
N ASN A 268 7.58 -0.61 -10.59
CA ASN A 268 7.73 -0.80 -11.95
CA ASN A 268 7.56 -0.80 -12.02
C ASN A 268 6.98 -2.00 -12.54
C ASN A 268 6.60 -1.89 -12.53
N SER A 269 6.30 -2.78 -11.70
N SER A 269 6.24 -2.84 -11.69
CA SER A 269 5.37 -3.82 -12.18
CA SER A 269 5.33 -3.91 -12.07
C SER A 269 3.93 -3.30 -12.16
C SER A 269 3.88 -3.46 -12.10
N PRO A 270 3.21 -3.34 -13.27
CA PRO A 270 1.81 -2.89 -13.28
C PRO A 270 0.88 -3.88 -12.60
N ARG A 271 -0.19 -3.34 -12.02
CA ARG A 271 -1.32 -4.16 -11.53
C ARG A 271 -2.27 -4.41 -12.71
N ARG A 272 -2.50 -5.68 -13.00
CA ARG A 272 -3.43 -6.11 -14.04
C ARG A 272 -4.48 -7.03 -13.40
N THR A 273 -5.78 -6.71 -13.56
CA THR A 273 -6.87 -7.52 -12.99
C THR A 273 -7.94 -7.79 -14.05
N ILE A 274 -8.58 -8.97 -13.96
CA ILE A 274 -9.68 -9.33 -14.85
C ILE A 274 -10.94 -9.50 -13.97
N GLY A 275 -12.02 -8.83 -14.34
CA GLY A 275 -13.15 -8.84 -13.40
C GLY A 275 -14.39 -8.15 -13.91
N GLY A 276 -15.41 -8.11 -13.03
CA GLY A 276 -16.72 -7.58 -13.37
C GLY A 276 -17.66 -7.65 -12.19
N PHE A 277 -18.93 -7.98 -12.45
CA PHE A 277 -20.04 -7.90 -11.51
C PHE A 277 -20.91 -9.13 -11.67
N LEU A 278 -21.73 -9.42 -10.65
CA LEU A 278 -22.75 -10.45 -10.79
CA LEU A 278 -22.75 -10.46 -10.78
C LEU A 278 -24.00 -10.06 -10.01
N ALA A 279 -25.16 -10.54 -10.47
CA ALA A 279 -26.42 -10.24 -9.79
C ALA A 279 -27.46 -11.33 -10.07
N PHE A 280 -28.56 -11.32 -9.29
CA PHE A 280 -29.66 -12.26 -9.51
C PHE A 280 -30.58 -11.83 -10.65
N SER A 281 -31.10 -12.82 -11.37
CA SER A 281 -32.25 -12.61 -12.23
C SER A 281 -33.48 -12.18 -11.40
N LYS A 282 -34.50 -11.68 -12.09
CA LYS A 282 -35.68 -11.14 -11.40
C LYS A 282 -36.37 -12.18 -10.52
N GLN A 283 -36.32 -13.45 -10.91
CA GLN A 283 -36.93 -14.52 -10.13
C GLN A 283 -35.92 -15.22 -9.22
N ARG A 284 -34.71 -14.69 -9.09
CA ARG A 284 -33.70 -15.27 -8.22
C ARG A 284 -33.48 -16.74 -8.53
N ASP A 285 -33.68 -17.12 -9.78
CA ASP A 285 -33.44 -18.49 -10.25
C ASP A 285 -32.26 -18.62 -11.19
N LYS A 286 -31.45 -17.57 -11.35
CA LYS A 286 -30.27 -17.61 -12.20
C LYS A 286 -29.34 -16.46 -11.79
N ILE A 287 -28.03 -16.65 -12.05
CA ILE A 287 -27.00 -15.64 -11.82
CA ILE A 287 -27.03 -15.61 -11.83
C ILE A 287 -26.52 -15.13 -13.18
N TYR A 288 -26.49 -13.80 -13.35
CA TYR A 288 -25.88 -13.15 -14.50
C TYR A 288 -24.57 -12.50 -14.09
N TYR A 289 -23.55 -12.57 -14.97
CA TYR A 289 -22.28 -11.89 -14.71
C TYR A 289 -21.81 -11.14 -15.96
N TRP A 290 -21.16 -9.97 -15.76
CA TRP A 290 -20.86 -9.03 -16.87
C TRP A 290 -19.83 -8.01 -16.39
N SER A 291 -19.26 -7.26 -17.33
CA SER A 291 -18.57 -5.99 -16.99
C SER A 291 -19.05 -4.84 -17.90
N THR B 9 25.03 -5.27 -18.60
CA THR B 9 24.08 -4.94 -17.53
C THR B 9 24.08 -3.43 -17.28
N LYS B 10 22.97 -2.91 -16.72
CA LYS B 10 22.82 -1.50 -16.36
C LYS B 10 22.71 -1.39 -14.85
N PRO B 11 23.43 -0.48 -14.21
CA PRO B 11 23.48 -0.49 -12.74
C PRO B 11 22.11 -0.42 -12.06
N ALA B 12 21.92 -1.29 -11.06
CA ALA B 12 20.70 -1.35 -10.24
C ALA B 12 20.98 -1.15 -8.76
N LEU B 13 19.94 -0.71 -8.06
CA LEU B 13 19.91 -0.77 -6.60
C LEU B 13 20.03 -2.23 -6.12
N HIS B 14 20.75 -2.45 -5.01
CA HIS B 14 20.99 -3.80 -4.49
C HIS B 14 20.72 -3.81 -2.99
N PHE B 15 19.94 -4.81 -2.52
CA PHE B 15 19.63 -4.97 -1.09
C PHE B 15 19.79 -6.44 -0.70
N LEU B 16 20.30 -6.68 0.51
CA LEU B 16 20.33 -7.99 1.14
C LEU B 16 19.05 -8.25 1.94
N ASP B 17 18.73 -9.52 2.11
CA ASP B 17 17.65 -9.97 2.99
C ASP B 17 18.21 -11.12 3.81
N ILE B 18 18.43 -10.89 5.11
CA ILE B 18 19.08 -11.86 6.00
C ILE B 18 18.32 -11.95 7.33
N ASN B 19 18.62 -13.00 8.09
CA ASN B 19 18.16 -13.10 9.47
C ASN B 19 19.16 -12.46 10.42
N ALA B 20 18.65 -11.88 11.50
CA ALA B 20 19.53 -11.34 12.54
C ALA B 20 20.56 -12.35 13.05
N THR B 21 20.25 -13.66 13.04
CA THR B 21 21.21 -14.67 13.46
C THR B 21 22.46 -14.72 12.60
N GLU B 22 22.46 -14.07 11.43
CA GLU B 22 23.53 -14.17 10.45
C GLU B 22 24.39 -12.92 10.37
N VAL B 23 24.20 -11.95 11.27
CA VAL B 23 24.83 -10.64 11.06
C VAL B 23 26.37 -10.73 11.04
N LYS B 24 26.96 -11.66 11.80
CA LYS B 24 28.42 -11.78 11.86
C LYS B 24 29.05 -12.28 10.57
N LYS B 25 28.25 -12.78 9.63
CA LYS B 25 28.76 -13.10 8.29
C LYS B 25 28.97 -11.86 7.41
N TYR B 26 28.57 -10.67 7.83
CA TYR B 26 28.68 -9.45 7.02
C TYR B 26 29.44 -8.37 7.80
N PRO B 27 30.70 -8.63 8.15
CA PRO B 27 31.42 -7.75 9.08
C PRO B 27 31.86 -6.41 8.48
N THR B 28 31.70 -6.22 7.18
CA THR B 28 32.01 -4.94 6.54
C THR B 28 30.78 -4.38 5.80
N ALA B 29 29.56 -4.78 6.20
CA ALA B 29 28.38 -4.31 5.48
C ALA B 29 28.25 -2.79 5.51
N ILE B 30 28.49 -2.17 6.68
CA ILE B 30 28.30 -0.72 6.74
CA ILE B 30 28.35 -0.71 6.80
C ILE B 30 29.33 0.00 5.87
N GLN B 31 30.61 -0.43 5.91
CA GLN B 31 31.63 0.12 5.00
C GLN B 31 31.26 -0.10 3.55
N ASP B 32 30.70 -1.28 3.25
CA ASP B 32 30.34 -1.62 1.86
C ASP B 32 29.20 -0.73 1.34
N ILE B 33 28.23 -0.40 2.19
CA ILE B 33 27.14 0.50 1.77
C ILE B 33 27.66 1.92 1.58
N ILE B 34 28.37 2.46 2.59
CA ILE B 34 28.71 3.88 2.63
C ILE B 34 29.93 4.19 1.78
N ILE B 35 30.98 3.39 1.91
CA ILE B 35 32.27 3.71 1.33
C ILE B 35 32.40 3.15 -0.08
N ASN B 36 32.29 1.83 -0.22
CA ASN B 36 32.45 1.16 -1.50
C ASN B 36 31.22 1.31 -2.39
N ARG B 37 30.04 1.55 -1.81
CA ARG B 37 28.80 1.68 -2.56
C ARG B 37 28.50 0.42 -3.36
N SER B 38 28.92 -0.74 -2.85
CA SER B 38 28.67 -2.01 -3.53
C SER B 38 27.25 -2.51 -3.39
N PHE B 39 26.51 -2.01 -2.39
CA PHE B 39 25.06 -2.20 -2.30
C PHE B 39 24.50 -1.06 -1.45
N ASP B 40 23.18 -1.10 -1.25
CA ASP B 40 22.46 0.09 -0.81
C ASP B 40 21.65 -0.06 0.46
N GLY B 41 21.50 -1.27 0.97
CA GLY B 41 20.68 -1.48 2.15
C GLY B 41 20.44 -2.94 2.40
N MET B 42 19.70 -3.21 3.50
CA MET B 42 19.41 -4.59 3.89
C MET B 42 18.21 -4.61 4.82
N ILE B 43 17.42 -5.69 4.73
CA ILE B 43 16.42 -6.00 5.75
C ILE B 43 16.95 -7.15 6.60
N ILE B 44 16.84 -7.00 7.91
CA ILE B 44 17.37 -7.95 8.89
C ILE B 44 16.20 -8.46 9.74
N ARG B 45 15.81 -9.70 9.52
CA ARG B 45 14.59 -10.25 10.12
C ARG B 45 14.81 -10.67 11.57
N GLY B 46 13.86 -10.26 12.42
CA GLY B 46 13.90 -10.77 13.79
C GLY B 46 14.96 -10.19 14.71
N VAL B 47 15.25 -8.91 14.58
CA VAL B 47 16.19 -8.28 15.51
C VAL B 47 15.62 -8.27 16.92
N PHE B 48 14.30 -7.99 17.06
CA PHE B 48 13.60 -8.11 18.35
C PHE B 48 12.47 -9.13 18.22
N PRO B 49 12.13 -9.81 19.31
CA PRO B 49 11.02 -10.76 19.27
C PRO B 49 9.68 -10.06 19.11
N ARG B 50 8.74 -10.76 18.47
CA ARG B 50 7.40 -10.20 18.25
C ARG B 50 6.74 -9.85 19.57
N ASP B 51 6.93 -10.67 20.61
CA ASP B 51 6.27 -10.38 21.89
CA ASP B 51 6.28 -10.39 21.90
C ASP B 51 6.84 -9.13 22.56
N THR B 52 8.14 -8.87 22.41
CA THR B 52 8.70 -7.63 22.93
C THR B 52 8.06 -6.43 22.23
N MET B 53 7.94 -6.50 20.89
CA MET B 53 7.34 -5.40 20.13
C MET B 53 5.93 -5.10 20.63
N GLU B 54 5.12 -6.14 20.83
CA GLU B 54 3.73 -5.96 21.27
C GLU B 54 3.65 -5.35 22.68
N GLN B 55 4.48 -5.88 23.60
CA GLN B 55 4.62 -5.33 24.95
C GLN B 55 4.91 -3.82 24.91
N VAL B 56 5.86 -3.39 24.07
CA VAL B 56 6.20 -1.97 23.99
C VAL B 56 5.03 -1.14 23.45
N ALA B 57 4.40 -1.61 22.36
CA ALA B 57 3.31 -0.83 21.80
C ALA B 57 2.15 -0.74 22.78
N ARG B 58 1.95 -1.78 23.59
CA ARG B 58 0.90 -1.77 24.61
C ARG B 58 1.18 -0.73 25.69
N CYS B 59 2.43 -0.64 26.16
CA CYS B 59 2.85 0.44 27.05
C CYS B 59 2.47 1.80 26.47
N LEU B 60 2.78 2.03 25.21
CA LEU B 60 2.42 3.30 24.61
C LEU B 60 0.90 3.47 24.59
N GLU B 61 0.19 2.46 24.08
CA GLU B 61 -1.26 2.53 23.99
C GLU B 61 -1.89 2.92 25.33
N GLU B 62 -1.52 2.21 26.40
CA GLU B 62 -2.18 2.36 27.69
C GLU B 62 -1.62 3.51 28.52
N GLY B 63 -0.38 3.93 28.26
CA GLY B 63 0.19 5.06 28.95
C GLY B 63 1.08 4.72 30.14
N ASN B 64 1.34 3.43 30.39
CA ASN B 64 2.40 3.02 31.31
C ASN B 64 3.71 2.91 30.53
N ASP B 65 4.17 4.08 30.08
CA ASP B 65 5.21 4.20 29.06
C ASP B 65 6.50 4.79 29.62
N GLY B 66 6.66 4.81 30.94
CA GLY B 66 7.90 5.25 31.54
C GLY B 66 8.23 6.71 31.30
N GLY B 67 7.24 7.54 30.97
CA GLY B 67 7.45 8.94 30.66
C GLY B 67 7.43 9.28 29.17
N MET B 68 7.28 8.28 28.29
CA MET B 68 7.35 8.55 26.84
C MET B 68 6.25 9.51 26.38
N LYS B 69 5.03 9.41 26.94
CA LYS B 69 3.96 10.29 26.48
C LYS B 69 4.26 11.75 26.78
N SER B 70 5.10 12.04 27.79
CA SER B 70 5.39 13.41 28.15
C SER B 70 6.22 14.14 27.09
N ILE B 71 6.82 13.42 26.13
CA ILE B 71 7.59 14.00 25.03
C ILE B 71 6.96 13.72 23.63
N LEU B 72 5.64 13.42 23.56
CA LEU B 72 4.91 13.24 22.30
C LEU B 72 4.64 14.60 21.66
N ASN B 73 5.10 14.74 20.40
CA ASN B 73 4.87 15.93 19.58
C ASN B 73 3.82 15.55 18.52
N LYS B 74 2.60 16.08 18.67
CA LYS B 74 1.53 15.66 17.76
C LYS B 74 1.61 16.34 16.39
N ASN B 75 2.33 17.44 16.27
CA ASN B 75 2.60 18.12 14.98
C ASN B 75 1.32 18.56 14.29
N GLU B 76 0.27 18.82 15.07
CA GLU B 76 -1.07 18.92 14.48
C GLU B 76 -1.19 20.04 13.45
N GLU B 77 -0.23 20.99 13.44
CA GLU B 77 -0.29 22.15 12.58
C GLU B 77 0.51 22.01 11.28
N PHE B 78 0.88 20.79 10.88
CA PHE B 78 1.87 20.61 9.81
C PHE B 78 1.38 19.70 8.67
N GLY B 79 0.09 19.45 8.54
CA GLY B 79 -0.42 18.69 7.40
C GLY B 79 -0.33 17.18 7.56
N THR B 80 -0.85 16.46 6.56
CA THR B 80 -0.95 15.00 6.61
C THR B 80 0.34 14.25 6.20
N LYS B 81 1.40 14.94 5.73
CA LYS B 81 2.60 14.27 5.23
C LYS B 81 3.76 14.28 6.23
N VAL B 82 3.40 14.41 7.52
CA VAL B 82 4.30 14.28 8.66
C VAL B 82 3.69 13.29 9.67
N ALA B 83 4.56 12.61 10.43
CA ALA B 83 4.09 11.76 11.51
C ALA B 83 3.92 12.57 12.81
N GLN B 84 3.26 11.97 13.80
CA GLN B 84 3.53 12.36 15.20
C GLN B 84 4.82 11.69 15.67
N ILE B 85 5.55 12.34 16.60
CA ILE B 85 6.85 11.81 16.98
CA ILE B 85 6.90 11.87 16.98
C ILE B 85 7.08 11.94 18.48
N TYR B 86 7.50 10.82 19.10
CA TYR B 86 7.91 10.80 20.50
C TYR B 86 9.39 11.13 20.57
N GLY B 87 9.70 12.21 21.28
CA GLY B 87 11.02 12.83 21.25
C GLY B 87 11.13 13.85 20.15
N HIS B 88 12.02 14.82 20.33
CA HIS B 88 12.35 15.72 19.23
C HIS B 88 13.39 15.07 18.31
N ALA B 89 13.10 15.05 17.00
CA ALA B 89 14.15 14.72 16.04
C ALA B 89 15.09 15.90 15.89
N ILE B 90 16.37 15.61 15.61
CA ILE B 90 17.33 16.72 15.51
C ILE B 90 17.09 17.54 14.24
N VAL B 91 16.61 16.92 13.16
CA VAL B 91 16.29 17.67 11.95
C VAL B 91 15.35 18.82 12.31
N GLY B 92 15.72 20.03 11.86
CA GLY B 92 14.88 21.21 12.07
C GLY B 92 15.01 21.90 13.41
N GLN B 93 15.85 21.42 14.31
CA GLN B 93 15.95 22.08 15.61
C GLN B 93 16.83 23.34 15.53
N SER B 94 16.73 24.19 16.56
CA SER B 94 17.65 25.32 16.67
C SER B 94 19.06 24.82 17.00
N PRO B 95 20.10 25.55 16.58
CA PRO B 95 21.48 25.02 16.74
C PRO B 95 21.95 24.90 18.18
N ASP B 96 21.32 25.61 19.12
CA ASP B 96 21.66 25.45 20.54
C ASP B 96 21.30 24.06 21.07
N LEU B 97 20.20 23.47 20.59
CA LEU B 97 19.78 22.11 20.95
C LEU B 97 19.26 21.98 22.38
N LYS B 98 18.89 23.08 23.04
CA LYS B 98 18.45 23.00 24.45
C LYS B 98 17.22 22.08 24.60
N ASP B 99 16.16 22.35 23.85
N ASP B 99 16.15 22.35 23.85
CA ASP B 99 14.96 21.51 23.95
CA ASP B 99 14.98 21.49 23.99
C ASP B 99 15.23 20.08 23.50
C ASP B 99 15.27 20.07 23.53
N TYR B 100 16.12 19.91 22.51
CA TYR B 100 16.48 18.59 22.02
C TYR B 100 17.14 17.74 23.11
N PHE B 101 18.08 18.31 23.85
CA PHE B 101 18.81 17.53 24.86
C PHE B 101 17.90 17.13 26.03
N ALA B 102 16.93 17.97 26.39
CA ALA B 102 16.03 17.63 27.49
C ALA B 102 15.10 16.47 27.11
N SER B 103 14.53 16.49 25.87
CA SER B 103 13.71 15.35 25.44
C SER B 103 14.54 14.08 25.26
N SER B 104 15.79 14.21 24.83
CA SER B 104 16.66 13.04 24.64
C SER B 104 16.92 12.32 25.97
N ALA B 105 17.11 13.08 27.04
CA ALA B 105 17.26 12.51 28.38
C ALA B 105 16.02 11.68 28.76
N ILE B 106 14.84 12.24 28.55
CA ILE B 106 13.62 11.51 28.89
C ILE B 106 13.48 10.25 28.03
N PHE B 107 13.81 10.36 26.73
CA PHE B 107 13.60 9.25 25.79
C PHE B 107 14.40 8.03 26.24
N ARG B 108 15.69 8.22 26.58
CA ARG B 108 16.53 7.08 26.92
C ARG B 108 15.97 6.32 28.13
N GLN B 109 15.52 7.04 29.15
CA GLN B 109 15.00 6.40 30.37
C GLN B 109 13.68 5.65 30.08
N ALA B 110 12.78 6.30 29.33
CA ALA B 110 11.50 5.70 29.04
C ALA B 110 11.65 4.45 28.20
N CYS B 111 12.52 4.50 27.19
CA CYS B 111 12.75 3.37 26.31
C CYS B 111 13.29 2.18 27.07
N ARG B 112 14.30 2.43 27.93
CA ARG B 112 14.86 1.36 28.74
C ARG B 112 13.80 0.73 29.62
N THR B 113 12.92 1.55 30.21
CA THR B 113 11.86 1.00 31.06
C THR B 113 10.94 0.06 30.26
N MET B 114 10.47 0.49 29.08
CA MET B 114 9.48 -0.29 28.33
C MET B 114 10.06 -1.60 27.83
N PHE B 115 11.33 -1.62 27.45
CA PHE B 115 11.94 -2.84 26.91
C PHE B 115 12.27 -3.87 27.96
N GLN B 116 12.42 -3.48 29.22
CA GLN B 116 12.59 -4.40 30.34
C GLN B 116 13.80 -5.31 30.20
N GLY B 117 14.82 -4.89 29.45
CA GLY B 117 16.01 -5.70 29.23
C GLY B 117 15.75 -7.01 28.50
N SER B 118 14.67 -7.12 27.74
CA SER B 118 14.25 -8.41 27.19
C SER B 118 14.05 -8.39 25.69
N PRO B 119 15.09 -8.02 24.93
CA PRO B 119 16.36 -7.43 25.31
C PRO B 119 16.26 -5.92 25.38
N ASP B 120 17.27 -5.25 25.96
CA ASP B 120 17.32 -3.79 25.97
C ASP B 120 17.48 -3.24 24.55
N PHE B 121 16.82 -2.09 24.27
CA PHE B 121 16.86 -1.53 22.92
C PHE B 121 18.26 -1.09 22.51
N GLU B 122 18.94 -0.30 23.35
CA GLU B 122 20.25 0.22 22.93
C GLU B 122 21.25 -0.92 22.82
N GLU B 123 21.28 -1.85 23.78
CA GLU B 123 22.23 -2.96 23.73
C GLU B 123 22.05 -3.78 22.46
N GLN B 124 20.80 -4.06 22.08
CA GLN B 124 20.52 -4.90 20.92
C GLN B 124 20.91 -4.22 19.62
N VAL B 125 20.53 -2.95 19.44
CA VAL B 125 20.88 -2.22 18.22
CA VAL B 125 20.89 -2.29 18.18
C VAL B 125 22.40 -2.04 18.10
N GLU B 126 23.09 -1.76 19.23
CA GLU B 126 24.55 -1.59 19.18
C GLU B 126 25.25 -2.89 18.79
N SER B 127 24.72 -4.03 19.25
CA SER B 127 25.29 -5.32 18.88
C SER B 127 25.19 -5.55 17.37
N ILE B 128 24.03 -5.22 16.77
CA ILE B 128 23.87 -5.32 15.31
C ILE B 128 24.89 -4.45 14.58
N PHE B 129 24.98 -3.17 14.95
CA PHE B 129 25.87 -2.27 14.21
C PHE B 129 27.34 -2.67 14.37
N HIS B 130 27.71 -3.21 15.52
CA HIS B 130 29.09 -3.70 15.72
C HIS B 130 29.37 -4.93 14.88
N SER B 131 28.41 -5.86 14.82
CA SER B 131 28.59 -7.03 13.97
C SER B 131 28.74 -6.66 12.51
N LEU B 132 28.10 -5.58 12.06
CA LEU B 132 28.11 -5.16 10.66
C LEU B 132 29.26 -4.21 10.30
N SER B 133 30.18 -3.92 11.23
CA SER B 133 31.31 -3.03 10.94
C SER B 133 32.63 -3.42 11.60
N GLY B 134 32.63 -4.16 12.71
CA GLY B 134 33.84 -4.38 13.50
C GLY B 134 34.29 -3.19 14.31
N LEU B 135 33.50 -2.11 14.37
CA LEU B 135 33.93 -0.89 15.03
C LEU B 135 33.15 -0.67 16.32
N PRO B 136 33.70 0.11 17.26
CA PRO B 136 32.89 0.53 18.41
C PRO B 136 31.73 1.43 17.99
N VAL B 137 30.65 1.37 18.79
CA VAL B 137 29.38 2.03 18.49
C VAL B 137 28.98 2.88 19.70
N GLU B 138 28.68 4.17 19.46
CA GLU B 138 28.34 5.10 20.52
C GLU B 138 27.21 6.04 20.11
N ILE B 139 26.44 6.43 21.12
CA ILE B 139 25.52 7.56 21.00
C ILE B 139 26.33 8.84 21.21
N PRO B 140 26.27 9.83 20.30
CA PRO B 140 27.09 11.05 20.51
C PRO B 140 26.65 11.85 21.73
N THR B 141 27.56 12.75 22.14
CA THR B 141 27.31 13.67 23.24
C THR B 141 27.60 15.08 22.78
N GLY B 142 26.92 16.04 23.39
CA GLY B 142 27.03 17.43 23.02
C GLY B 142 28.25 18.11 23.61
N PRO B 143 28.34 19.41 23.35
CA PRO B 143 29.56 20.15 23.74
C PRO B 143 29.82 20.22 25.24
N GLU B 144 28.80 19.99 26.07
CA GLU B 144 28.97 19.97 27.53
C GLU B 144 28.58 18.61 28.13
N GLY B 145 28.59 17.58 27.31
CA GLY B 145 28.40 16.22 27.76
C GLY B 145 26.98 15.70 27.71
N GLN B 146 26.01 16.51 27.27
CA GLN B 146 24.62 16.08 27.17
C GLN B 146 24.47 14.94 26.15
N THR B 147 23.63 13.97 26.47
CA THR B 147 23.41 12.87 25.51
C THR B 147 22.48 13.29 24.39
N TYR B 148 22.85 12.90 23.15
CA TYR B 148 21.87 12.83 22.05
C TYR B 148 20.91 11.68 22.34
N THR B 149 19.76 11.65 21.58
CA THR B 149 18.89 10.46 21.67
C THR B 149 19.35 9.42 20.66
N PRO B 150 19.28 8.12 21.02
CA PRO B 150 19.61 7.07 20.02
C PRO B 150 18.57 6.93 18.92
N ALA B 151 17.33 7.33 19.21
CA ALA B 151 16.18 7.05 18.34
C ALA B 151 15.06 8.00 18.69
N THR B 152 14.07 8.09 17.77
CA THR B 152 12.72 8.60 18.10
C THR B 152 11.68 7.54 17.67
N ILE B 153 10.43 7.70 18.13
CA ILE B 153 9.33 6.80 17.72
C ILE B 153 8.35 7.61 16.85
N ARG B 154 8.13 7.16 15.63
N ARG B 154 8.14 7.15 15.63
CA ARG B 154 7.21 7.80 14.68
CA ARG B 154 7.19 7.76 14.69
C ARG B 154 5.87 7.05 14.69
C ARG B 154 5.85 7.04 14.77
N LEU B 155 4.78 7.82 14.83
CA LEU B 155 3.42 7.27 14.89
C LEU B 155 2.64 7.83 13.68
N LEU B 156 2.22 6.95 12.77
N LEU B 156 2.17 6.96 12.79
CA LEU B 156 1.41 7.24 11.59
CA LEU B 156 1.43 7.32 11.57
C LEU B 156 0.01 6.65 11.76
C LEU B 156 0.05 6.69 11.60
N LEU B 157 -0.97 7.53 11.82
CA LEU B 157 -2.37 7.13 11.85
C LEU B 157 -2.94 7.05 10.41
N GLU B 158 -4.15 6.51 10.31
CA GLU B 158 -4.92 6.47 9.06
CA GLU B 158 -4.85 6.45 9.03
C GLU B 158 -4.86 7.79 8.31
N GLY B 159 -4.50 7.76 7.02
CA GLY B 159 -4.49 8.93 6.20
C GLY B 159 -3.24 9.77 6.29
N ARG B 160 -2.25 9.33 7.04
CA ARG B 160 -1.01 10.06 7.24
C ARG B 160 0.15 9.33 6.54
N GLU B 161 1.15 10.10 6.09
CA GLU B 161 2.29 9.59 5.33
C GLU B 161 3.56 10.33 5.74
N ILE B 162 4.72 9.86 5.26
CA ILE B 162 5.99 10.60 5.43
C ILE B 162 6.43 11.01 4.03
N ALA B 163 6.41 12.31 3.75
CA ALA B 163 6.71 12.82 2.41
C ALA B 163 8.15 12.54 1.99
N VAL B 164 8.36 12.50 0.66
CA VAL B 164 9.66 12.20 0.07
C VAL B 164 10.71 13.23 0.57
N HIS B 165 11.90 12.70 0.89
CA HIS B 165 13.00 13.48 1.47
C HIS B 165 14.30 12.71 1.27
N VAL B 166 15.44 13.34 1.68
CA VAL B 166 16.74 12.67 1.57
C VAL B 166 17.60 13.11 2.77
N GLY B 167 18.36 12.16 3.33
CA GLY B 167 19.04 12.40 4.60
C GLY B 167 20.17 13.41 4.56
N ASN B 168 20.97 13.45 3.47
CA ASN B 168 22.09 14.36 3.45
C ASN B 168 21.68 15.83 3.46
N ASP B 169 20.39 16.16 3.31
CA ASP B 169 19.94 17.54 3.50
C ASP B 169 20.14 18.00 4.93
N PHE B 170 20.31 17.08 5.89
CA PHE B 170 20.67 17.46 7.27
C PHE B 170 21.94 18.31 7.31
N LEU B 171 22.89 17.98 6.40
CA LEU B 171 24.18 18.67 6.31
C LEU B 171 24.01 20.17 6.11
N LEU B 172 22.88 20.58 5.55
CA LEU B 172 22.63 21.98 5.22
C LEU B 172 21.84 22.71 6.31
N MET B 173 21.61 22.08 7.47
CA MET B 173 20.73 22.58 8.52
C MET B 173 21.56 23.06 9.70
N PRO B 174 21.20 24.20 10.32
CA PRO B 174 21.96 24.68 11.49
C PRO B 174 22.01 23.69 12.66
N ALA B 175 21.00 22.82 12.81
CA ALA B 175 21.00 21.84 13.89
C ALA B 175 22.17 20.87 13.80
N ALA B 176 22.75 20.68 12.61
CA ALA B 176 23.87 19.77 12.40
C ALA B 176 25.21 20.38 12.73
N ASN B 177 25.24 21.62 13.21
CA ASN B 177 26.51 22.30 13.43
C ASN B 177 27.45 21.49 14.33
N HIS B 178 26.96 21.03 15.49
CA HIS B 178 27.85 20.34 16.41
C HIS B 178 28.24 18.94 15.91
N LEU B 179 27.28 18.18 15.35
CA LEU B 179 27.63 16.83 14.88
C LEU B 179 28.66 16.86 13.74
N LYS B 180 28.65 17.92 12.92
CA LYS B 180 29.66 18.07 11.87
C LYS B 180 31.07 17.99 12.43
N THR B 181 31.29 18.42 13.68
CA THR B 181 32.63 18.35 14.25
C THR B 181 33.05 16.93 14.64
N LEU B 182 32.11 15.96 14.62
CA LEU B 182 32.37 14.58 15.02
C LEU B 182 32.38 13.57 13.87
N LEU B 183 31.73 13.86 12.75
CA LEU B 183 31.47 12.88 11.70
C LEU B 183 32.40 13.05 10.52
N ASP B 184 32.52 11.95 9.77
CA ASP B 184 33.13 11.95 8.44
C ASP B 184 32.20 12.64 7.47
N LEU B 185 32.74 12.99 6.30
CA LEU B 185 31.97 13.70 5.28
C LEU B 185 31.04 12.80 4.46
N SER B 186 31.00 11.49 4.75
CA SER B 186 30.37 10.48 3.87
C SER B 186 28.86 10.37 4.14
N ASP B 187 28.19 9.43 3.44
CA ASP B 187 26.76 9.24 3.53
C ASP B 187 26.37 8.78 4.93
N GLN B 188 25.24 9.28 5.44
CA GLN B 188 24.59 8.72 6.63
C GLN B 188 23.68 7.57 6.19
N LEU B 189 23.56 6.56 7.04
CA LEU B 189 22.52 5.55 6.86
C LEU B 189 21.27 5.87 7.69
N SER B 190 20.14 5.31 7.29
CA SER B 190 18.88 5.29 8.03
C SER B 190 18.69 3.89 8.60
N TYR B 191 18.12 3.79 9.84
CA TYR B 191 17.67 2.51 10.42
C TYR B 191 16.27 2.70 11.04
N PHE B 192 15.41 1.66 10.97
CA PHE B 192 14.21 1.64 11.81
C PHE B 192 13.67 0.21 11.98
N ILE B 193 12.86 0.04 13.04
CA ILE B 193 12.23 -1.24 13.40
CA ILE B 193 12.23 -1.24 13.40
CA ILE B 193 12.23 -1.23 13.39
C ILE B 193 10.75 -0.97 13.67
N PRO B 194 9.81 -1.68 13.01
CA PRO B 194 8.40 -1.49 13.38
C PRO B 194 8.08 -2.12 14.73
N LEU B 195 7.34 -1.37 15.54
CA LEU B 195 6.67 -1.88 16.74
C LEU B 195 5.28 -2.43 16.38
N THR B 196 4.53 -1.71 15.53
CA THR B 196 3.25 -2.14 15.00
C THR B 196 3.18 -1.79 13.52
N VAL B 197 2.47 -2.62 12.76
CA VAL B 197 2.28 -2.42 11.31
C VAL B 197 0.82 -2.22 10.93
N PRO B 198 0.53 -1.48 9.85
CA PRO B 198 -0.85 -1.20 9.43
C PRO B 198 -1.47 -2.28 8.55
N GLU B 199 -2.80 -2.16 8.39
CA GLU B 199 -3.57 -3.11 7.57
C GLU B 199 -3.11 -3.07 6.10
N ALA B 200 -2.78 -1.88 5.59
CA ALA B 200 -2.32 -1.69 4.23
C ALA B 200 -1.59 -0.33 4.21
N GLY B 201 -0.90 -0.03 3.09
CA GLY B 201 -0.06 1.17 3.05
C GLY B 201 1.10 1.08 4.04
N GLY B 202 1.62 2.25 4.39
CA GLY B 202 2.78 2.34 5.28
C GLY B 202 4.03 1.63 4.76
N GLU B 203 4.27 1.68 3.46
CA GLU B 203 5.43 1.02 2.83
C GLU B 203 6.58 2.03 2.69
N LEU B 204 7.80 1.55 3.03
CA LEU B 204 9.03 2.31 2.74
CA LEU B 204 8.98 2.36 2.74
C LEU B 204 9.38 2.16 1.27
N VAL B 205 9.51 3.27 0.56
CA VAL B 205 9.92 3.26 -0.85
C VAL B 205 11.26 3.99 -0.96
N VAL B 206 12.27 3.33 -1.58
CA VAL B 206 13.60 3.89 -1.85
C VAL B 206 13.70 4.06 -3.36
N TYR B 207 14.08 5.28 -3.80
CA TYR B 207 14.25 5.61 -5.22
C TYR B 207 15.74 5.71 -5.58
N SER B 208 16.07 5.51 -6.88
CA SER B 208 17.44 5.69 -7.37
C SER B 208 17.83 7.18 -7.51
N LEU B 209 16.86 8.13 -7.44
CA LEU B 209 17.16 9.56 -7.50
C LEU B 209 17.96 9.93 -6.25
N GLU B 210 19.09 10.61 -6.45
CA GLU B 210 20.01 10.96 -5.38
C GLU B 210 20.01 12.44 -4.97
N TRP B 211 20.42 12.65 -3.71
CA TRP B 211 20.83 13.96 -3.23
C TRP B 211 21.77 14.63 -4.22
N ASN B 212 21.46 15.89 -4.57
CA ASN B 212 22.24 16.57 -5.61
C ASN B 212 22.10 18.09 -5.47
N PRO B 213 22.92 18.71 -4.64
CA PRO B 213 22.77 20.17 -4.45
C PRO B 213 22.95 20.96 -5.71
N GLN B 214 23.76 20.45 -6.62
CA GLN B 214 23.97 21.13 -7.90
C GLN B 214 22.69 21.18 -8.73
N GLU B 215 21.91 20.07 -8.76
CA GLU B 215 20.64 20.07 -9.47
C GLU B 215 19.64 21.00 -8.80
N ALA B 216 19.62 21.03 -7.46
CA ALA B 216 18.72 21.96 -6.75
C ALA B 216 18.98 23.41 -7.08
N SER B 217 20.25 23.78 -7.31
CA SER B 217 20.58 25.17 -7.60
C SER B 217 20.06 25.65 -8.96
N LYS B 218 19.52 24.74 -9.79
CA LYS B 218 18.97 25.14 -11.10
C LYS B 218 17.58 25.75 -10.96
N TYR B 219 17.04 25.80 -9.72
CA TYR B 219 15.69 26.28 -9.43
C TYR B 219 15.78 27.50 -8.51
N ALA B 220 15.01 28.54 -8.84
CA ALA B 220 14.97 29.75 -8.00
C ALA B 220 14.42 29.47 -6.61
N GLN B 221 13.54 28.47 -6.47
CA GLN B 221 12.88 28.12 -5.23
C GLN B 221 12.95 26.63 -4.98
N MET B 222 13.28 26.27 -3.74
CA MET B 222 13.33 24.85 -3.38
C MET B 222 11.99 24.14 -3.66
N GLN B 223 10.87 24.86 -3.55
CA GLN B 223 9.58 24.20 -3.75
C GLN B 223 9.35 23.83 -5.22
N GLU B 224 9.97 24.56 -6.15
CA GLU B 224 9.96 24.13 -7.55
C GLU B 224 10.82 22.87 -7.76
N TYR B 225 12.03 22.84 -7.17
CA TYR B 225 12.86 21.63 -7.25
C TYR B 225 12.12 20.43 -6.75
N MET B 226 11.46 20.57 -5.56
CA MET B 226 10.72 19.45 -5.01
C MET B 226 9.52 19.03 -5.89
N ASP B 227 8.88 19.99 -6.58
CA ASP B 227 7.84 19.61 -7.55
C ASP B 227 8.40 18.72 -8.65
N ASP B 228 9.62 19.04 -9.13
CA ASP B 228 10.27 18.16 -10.11
C ASP B 228 10.69 16.81 -9.51
N VAL B 229 11.14 16.78 -8.24
CA VAL B 229 11.40 15.49 -7.59
C VAL B 229 10.15 14.60 -7.65
N GLU B 230 8.99 15.18 -7.32
CA GLU B 230 7.75 14.40 -7.31
C GLU B 230 7.43 13.86 -8.70
N PHE B 231 7.64 14.67 -9.74
CA PHE B 231 7.49 14.16 -11.11
C PHE B 231 8.43 12.98 -11.39
N LYS B 232 9.72 13.14 -11.04
CA LYS B 232 10.71 12.13 -11.38
CA LYS B 232 10.72 12.13 -11.38
C LYS B 232 10.47 10.80 -10.68
N ILE B 233 10.05 10.81 -9.40
CA ILE B 233 9.94 9.56 -8.66
C ILE B 233 8.75 8.71 -9.11
N LYS B 234 7.78 9.28 -9.85
CA LYS B 234 6.64 8.48 -10.34
C LYS B 234 6.82 8.01 -11.79
N SER B 235 7.97 8.20 -12.40
CA SER B 235 8.15 7.85 -13.80
CA SER B 235 8.15 7.84 -13.81
C SER B 235 9.01 6.60 -13.92
N ASN B 236 9.20 6.16 -15.16
CA ASN B 236 10.25 5.20 -15.47
C ASN B 236 11.64 5.87 -15.50
N GLN B 237 11.74 7.14 -15.07
CA GLN B 237 13.02 7.84 -14.98
C GLN B 237 13.78 7.51 -13.70
N SER B 238 13.19 6.75 -12.79
CA SER B 238 13.88 6.29 -11.59
C SER B 238 13.50 4.84 -11.32
N GLN B 239 14.44 4.12 -10.70
CA GLN B 239 14.19 2.79 -10.14
C GLN B 239 13.57 2.97 -8.76
N SER B 240 12.82 1.96 -8.33
CA SER B 240 12.34 1.98 -6.95
C SER B 240 12.24 0.57 -6.37
N VAL B 241 12.42 0.46 -5.05
CA VAL B 241 12.25 -0.78 -4.31
CA VAL B 241 12.31 -0.78 -4.29
C VAL B 241 11.38 -0.45 -3.11
N ALA B 242 10.52 -1.38 -2.71
CA ALA B 242 9.59 -1.14 -1.62
C ALA B 242 9.68 -2.24 -0.59
N TYR B 243 9.54 -1.83 0.68
CA TYR B 243 9.58 -2.77 1.81
C TYR B 243 8.44 -2.51 2.82
N ALA B 244 7.90 -3.59 3.36
CA ALA B 244 6.97 -3.49 4.48
C ALA B 244 7.44 -4.47 5.58
N PRO B 245 8.51 -4.13 6.28
CA PRO B 245 9.05 -5.03 7.34
C PRO B 245 8.01 -5.37 8.38
N GLY B 246 8.11 -6.61 8.96
CA GLY B 246 7.22 -6.99 10.06
C GLY B 246 7.72 -6.44 11.39
N PRO B 247 6.88 -6.54 12.41
CA PRO B 247 7.34 -6.11 13.74
C PRO B 247 8.64 -6.81 14.16
N GLY B 248 9.63 -6.02 14.62
CA GLY B 248 10.89 -6.56 15.04
C GLY B 248 11.95 -6.74 13.97
N ASP B 249 11.59 -6.55 12.69
CA ASP B 249 12.56 -6.56 11.58
C ASP B 249 13.20 -5.17 11.49
N MET B 250 14.52 -5.12 11.18
CA MET B 250 15.22 -3.85 10.98
C MET B 250 15.44 -3.59 9.50
N LEU B 251 15.10 -2.38 9.02
CA LEU B 251 15.56 -1.88 7.72
C LEU B 251 16.77 -0.94 7.94
N LEU B 252 17.87 -1.14 7.20
CA LEU B 252 19.11 -0.36 7.33
C LEU B 252 19.53 -0.03 5.90
N PHE B 253 19.51 1.25 5.53
CA PHE B 253 19.71 1.61 4.12
C PHE B 253 20.33 3.00 3.95
N ASN B 254 20.84 3.30 2.74
CA ASN B 254 21.53 4.56 2.45
C ASN B 254 20.52 5.68 2.17
N GLY B 255 19.78 6.06 3.23
CA GLY B 255 18.85 7.19 3.13
C GLY B 255 19.50 8.56 3.05
N GLY B 256 20.80 8.66 3.40
CA GLY B 256 21.52 9.90 3.19
C GLY B 256 21.61 10.26 1.73
N ARG B 257 21.84 9.25 0.88
CA ARG B 257 22.06 9.42 -0.55
C ARG B 257 20.80 9.34 -1.42
N TYR B 258 19.88 8.44 -1.09
CA TYR B 258 18.72 8.18 -1.93
C TYR B 258 17.42 8.78 -1.38
N TYR B 259 16.64 9.49 -2.24
CA TYR B 259 15.30 9.92 -1.85
C TYR B 259 14.44 8.71 -1.43
N HIS B 260 13.58 8.92 -0.42
CA HIS B 260 12.76 7.85 0.14
C HIS B 260 11.54 8.47 0.81
N ARG B 261 10.50 7.62 1.01
CA ARG B 261 9.22 8.06 1.59
C ARG B 261 8.53 6.86 2.22
N VAL B 262 7.49 7.17 3.04
CA VAL B 262 6.58 6.13 3.57
C VAL B 262 5.16 6.42 3.07
N SER B 263 4.56 5.43 2.36
CA SER B 263 3.23 5.62 1.82
C SER B 263 2.13 5.72 2.91
N GLU B 264 1.02 6.40 2.54
CA GLU B 264 -0.10 6.65 3.43
C GLU B 264 -0.58 5.37 4.11
N VAL B 265 -0.85 5.47 5.43
CA VAL B 265 -1.45 4.37 6.20
C VAL B 265 -2.93 4.18 5.83
N ILE B 266 -3.32 2.92 5.69
CA ILE B 266 -4.70 2.49 5.42
C ILE B 266 -5.14 1.64 6.59
N GLY B 267 -6.35 1.91 7.10
CA GLY B 267 -6.92 1.08 8.16
C GLY B 267 -6.73 1.65 9.57
N ASN B 268 -7.23 0.88 10.53
CA ASN B 268 -7.37 1.33 11.89
CA ASN B 268 -7.35 1.36 11.89
C ASN B 268 -6.16 1.04 12.78
N SER B 269 -5.18 0.26 12.31
CA SER B 269 -4.00 -0.06 13.11
CA SER B 269 -4.00 -0.07 13.09
C SER B 269 -2.89 0.93 12.78
N PRO B 270 -2.42 1.77 13.72
CA PRO B 270 -1.33 2.71 13.37
C PRO B 270 -0.02 2.01 13.08
N ARG B 271 0.78 2.64 12.21
CA ARG B 271 2.18 2.26 12.01
C ARG B 271 3.04 2.98 13.06
N ARG B 272 3.75 2.20 13.86
CA ARG B 272 4.66 2.75 14.88
C ARG B 272 6.05 2.18 14.62
N THR B 273 7.04 3.07 14.44
CA THR B 273 8.44 2.68 14.19
C THR B 273 9.40 3.35 15.17
N ILE B 274 10.48 2.66 15.51
CA ILE B 274 11.57 3.22 16.34
C ILE B 274 12.85 3.26 15.48
N GLY B 275 13.48 4.43 15.41
CA GLY B 275 14.59 4.49 14.45
C GLY B 275 15.34 5.80 14.48
N GLY B 276 16.31 5.90 13.55
CA GLY B 276 17.25 6.99 13.52
C GLY B 276 18.28 6.85 12.39
N PHE B 277 19.50 7.29 12.65
CA PHE B 277 20.56 7.40 11.63
C PHE B 277 21.86 6.84 12.21
N LEU B 278 22.85 6.58 11.33
CA LEU B 278 24.19 6.22 11.78
C LEU B 278 25.22 6.72 10.76
N ALA B 279 26.42 7.01 11.22
CA ALA B 279 27.48 7.54 10.37
C ALA B 279 28.85 7.26 10.99
N PHE B 280 29.92 7.36 10.17
CA PHE B 280 31.29 7.20 10.70
C PHE B 280 31.79 8.47 11.39
N SER B 281 32.64 8.27 12.39
CA SER B 281 33.46 9.36 12.93
C SER B 281 34.48 9.81 11.88
N LYS B 282 35.17 10.93 12.18
CA LYS B 282 36.05 11.54 11.18
C LYS B 282 37.22 10.64 10.78
N GLN B 283 37.68 9.77 11.67
CA GLN B 283 38.74 8.82 11.33
C GLN B 283 38.20 7.44 10.93
N ARG B 284 36.89 7.30 10.80
CA ARG B 284 36.29 6.03 10.38
C ARG B 284 36.72 4.88 11.27
N ASP B 285 36.90 5.18 12.55
CA ASP B 285 37.27 4.23 13.58
C ASP B 285 36.20 4.01 14.64
N LYS B 286 34.96 4.42 14.37
CA LYS B 286 33.84 4.36 15.31
C LYS B 286 32.57 4.69 14.55
N ILE B 287 31.45 4.12 15.01
CA ILE B 287 30.12 4.43 14.46
CA ILE B 287 30.12 4.41 14.47
C ILE B 287 29.33 5.21 15.50
N TYR B 288 28.72 6.33 15.07
CA TYR B 288 27.78 7.08 15.90
C TYR B 288 26.36 6.84 15.41
N TYR B 289 25.39 6.72 16.33
CA TYR B 289 23.98 6.63 15.93
C TYR B 289 23.11 7.54 16.79
N TRP B 290 22.06 8.10 16.18
CA TRP B 290 21.26 9.16 16.80
C TRP B 290 19.94 9.32 16.06
N SER B 291 19.02 10.05 16.65
CA SER B 291 17.93 10.61 15.86
C SER B 291 17.68 12.09 16.18
NI NI C . -15.94 -1.25 -8.13
NI NI D . -13.41 18.40 2.32
C1 SIN E . -10.26 -4.12 -10.02
O1 SIN E . -9.34 -3.84 -9.24
O2 SIN E . -10.09 -4.70 -11.15
C2 SIN E . -11.66 -3.76 -9.61
C3 SIN E . -11.74 -2.86 -8.36
C4 SIN E . -13.20 -2.84 -7.96
O3 SIN E . -13.83 -1.77 -8.10
O4 SIN E . -13.67 -3.91 -7.49
C1 GOL F . -22.85 -4.85 9.26
O1 GOL F . -24.01 -5.38 8.63
C2 GOL F . -21.99 -4.15 8.22
O2 GOL F . -22.81 -3.36 7.39
C3 GOL F . -20.97 -3.24 8.92
O3 GOL F . -21.52 -1.98 9.19
C1 GOL G . -4.21 -11.51 0.02
O1 GOL G . -3.07 -12.33 0.00
C2 GOL G . -4.87 -11.37 1.39
O2 GOL G . -4.10 -11.82 2.48
C3 GOL G . -5.15 -9.91 1.56
O3 GOL G . -3.96 -9.20 1.53
CA CA H . 11.42 -1.88 -8.92
CA CA I . 0.95 -3.20 0.79
NI NI J . 14.39 9.45 6.16
NI NI K . 4.73 19.44 -11.43
C1 SIN L . 10.33 5.51 9.68
O1 SIN L . 10.31 5.46 10.95
O2 SIN L . 9.45 4.99 8.96
C2 SIN L . 11.46 6.25 9.00
C3 SIN L . 11.28 6.50 7.47
C4 SIN L . 12.60 7.06 7.00
O3 SIN L . 13.52 6.23 7.05
O4 SIN L . 12.70 8.24 6.59
C1 GOL M . 8.05 -8.25 4.09
O1 GOL M . 8.19 -8.29 5.49
C2 GOL M . 9.35 -7.77 3.44
O2 GOL M . 9.77 -8.57 2.33
C3 GOL M . 9.26 -6.34 2.95
O3 GOL M . 8.07 -6.15 2.22
C1 GOL N . 21.29 -12.09 16.52
O1 GOL N . 22.44 -11.28 16.44
C2 GOL N . 20.60 -11.88 17.86
O2 GOL N . 20.95 -10.64 18.43
C3 GOL N . 19.07 -11.95 17.70
O3 GOL N . 18.72 -13.08 16.92
C ACT O . 23.25 2.96 -7.95
O ACT O . 22.86 4.09 -7.59
OXT ACT O . 22.39 2.21 -8.49
CH3 ACT O . 24.68 2.53 -7.76
C ACT P . 29.14 -1.48 21.33
O ACT P . 28.44 -0.89 22.19
OXT ACT P . 30.20 -0.91 20.95
CH3 ACT P . 28.72 -2.81 20.77
#